data_1SIG
#
_entry.id   1SIG
#
_cell.length_a   79.229
_cell.length_b   79.229
_cell.length_c   134.060
_cell.angle_alpha   90.00
_cell.angle_beta   90.00
_cell.angle_gamma   90.00
#
_symmetry.space_group_name_H-M   'P 41 21 2'
#
loop_
_entity.id
_entity.type
_entity.pdbx_description
1 polymer 'RNA POLYMERASE PRIMARY SIGMA FACTOR'
2 water water
#
_entity_poly.entity_id   1
_entity_poly.type   'polypeptide(L)'
_entity_poly.pdbx_seq_one_letter_code
;GSHMEGEIDIAKRIEDGINQVQCSVAEYPEAITYLLEQYNRVEAEEARLSDLITGFVDPNAEEDLAPTATHVGSELSQED
LDDDEDEDEEDGDDDSADDDNSIDPELAREKFAELRAQYVVTRDTIKAKGRSHATAQEEILKLSEVFKQFRLVPKQFDYL
VNSMRVMMDRVRTQERLIMKLCVEQCKMPKKNFITLFTGNETSDTWFNAAIAMNKPWSEKLHDVSEEVHRALQKLQQIEE
ETGLTIEQVKDINRRMSIGEAKARRAKKEMVEANLRLVISIAKKYTNRGLQFLDLIQEGNIGLMKAVDKFEYRRGYKFST
YATWWIRQAITRSIADQAR
;
_entity_poly.pdbx_strand_id   A
#
# COMPACT_ATOMS: atom_id res chain seq x y z
N MET A 4 22.78 -19.75 12.61
CA MET A 4 21.67 -19.24 11.74
C MET A 4 20.33 -19.97 11.89
N GLU A 5 19.25 -19.29 11.56
CA GLU A 5 17.93 -19.87 11.80
C GLU A 5 16.81 -19.71 10.80
N GLY A 6 15.63 -20.15 11.24
CA GLY A 6 14.42 -20.01 10.47
C GLY A 6 13.99 -18.56 10.50
N GLU A 7 14.94 -17.67 10.75
CA GLU A 7 14.67 -16.25 10.73
C GLU A 7 14.82 -15.89 9.28
N ILE A 8 15.31 -16.85 8.49
CA ILE A 8 15.44 -16.68 7.06
C ILE A 8 14.05 -16.97 6.55
N ASP A 9 13.36 -17.91 7.21
CA ASP A 9 12.00 -18.24 6.83
C ASP A 9 10.96 -17.14 7.13
N ILE A 10 11.15 -16.40 8.21
CA ILE A 10 10.25 -15.29 8.49
C ILE A 10 10.65 -14.30 7.40
N ALA A 11 11.95 -14.07 7.27
CA ALA A 11 12.49 -13.12 6.29
C ALA A 11 11.91 -13.33 4.90
N LYS A 12 11.89 -14.57 4.44
CA LYS A 12 11.31 -14.85 3.13
C LYS A 12 9.79 -14.61 3.14
N ARG A 13 9.15 -14.65 4.31
CA ARG A 13 7.71 -14.42 4.37
C ARG A 13 7.42 -12.93 4.31
N ILE A 14 8.28 -12.17 4.95
CA ILE A 14 8.20 -10.71 4.95
C ILE A 14 8.32 -10.29 3.49
N GLU A 15 9.34 -10.82 2.81
CA GLU A 15 9.61 -10.47 1.43
C GLU A 15 8.48 -10.71 0.52
N ASP A 16 7.81 -11.86 0.69
CA ASP A 16 6.67 -12.24 -0.16
C ASP A 16 5.46 -11.31 0.01
N GLY A 17 5.19 -10.96 1.26
CA GLY A 17 4.08 -10.08 1.53
C GLY A 17 4.36 -8.73 0.93
N ILE A 18 5.61 -8.29 0.95
CA ILE A 18 5.96 -6.98 0.42
C ILE A 18 5.92 -6.94 -1.09
N ASN A 19 6.21 -8.07 -1.75
CA ASN A 19 6.11 -8.15 -3.21
C ASN A 19 4.67 -8.03 -3.64
N GLN A 20 3.77 -8.63 -2.87
CA GLN A 20 2.32 -8.57 -3.13
C GLN A 20 1.80 -7.16 -3.17
N VAL A 21 2.31 -6.33 -2.27
CA VAL A 21 1.92 -4.92 -2.17
C VAL A 21 2.47 -4.19 -3.38
N GLN A 22 3.70 -4.48 -3.73
CA GLN A 22 4.32 -3.87 -4.89
C GLN A 22 3.60 -4.27 -6.17
N CYS A 23 3.12 -5.51 -6.22
CA CYS A 23 2.41 -5.97 -7.40
C CYS A 23 1.06 -5.31 -7.46
N SER A 24 0.49 -5.00 -6.31
CA SER A 24 -0.80 -4.33 -6.28
C SER A 24 -0.66 -2.88 -6.70
N VAL A 25 0.45 -2.25 -6.32
CA VAL A 25 0.71 -0.85 -6.68
C VAL A 25 0.78 -0.82 -8.21
N ALA A 26 1.54 -1.76 -8.78
CA ALA A 26 1.69 -1.88 -10.24
C ALA A 26 0.39 -2.09 -11.03
N GLU A 27 -0.69 -2.40 -10.32
CA GLU A 27 -1.98 -2.60 -10.97
C GLU A 27 -2.78 -1.30 -10.90
N TYR A 28 -2.31 -0.33 -10.13
CA TYR A 28 -2.99 0.96 -9.97
C TYR A 28 -2.50 2.00 -11.00
N PRO A 29 -3.38 2.41 -11.94
CA PRO A 29 -3.10 3.39 -13.01
C PRO A 29 -2.49 4.69 -12.54
N GLU A 30 -2.94 5.18 -11.39
CA GLU A 30 -2.43 6.42 -10.84
C GLU A 30 -1.00 6.30 -10.34
N ALA A 31 -0.55 5.09 -10.06
CA ALA A 31 0.79 4.86 -9.58
C ALA A 31 1.71 5.03 -10.76
N ILE A 32 1.20 4.68 -11.93
CA ILE A 32 1.95 4.79 -13.16
C ILE A 32 2.10 6.25 -13.54
N THR A 33 0.98 6.95 -13.73
CA THR A 33 1.07 8.36 -14.09
C THR A 33 1.98 9.08 -13.10
N TYR A 34 1.71 8.99 -11.80
CA TYR A 34 2.53 9.67 -10.81
C TYR A 34 4.04 9.42 -11.00
N LEU A 35 4.42 8.22 -11.42
CA LEU A 35 5.84 7.91 -11.59
C LEU A 35 6.41 8.68 -12.74
N LEU A 36 5.64 8.85 -13.81
CA LEU A 36 6.11 9.62 -14.96
C LEU A 36 6.05 11.14 -14.68
N GLU A 37 5.18 11.55 -13.72
CA GLU A 37 4.98 12.94 -13.29
C GLU A 37 6.10 13.37 -12.41
N GLN A 38 6.61 12.41 -11.67
CA GLN A 38 7.72 12.64 -10.77
C GLN A 38 9.02 12.66 -11.52
N TYR A 39 9.03 12.08 -12.72
CA TYR A 39 10.25 12.11 -13.50
C TYR A 39 10.24 13.47 -14.23
N ASN A 40 9.03 13.97 -14.48
CA ASN A 40 8.85 15.27 -15.13
C ASN A 40 9.02 16.34 -14.04
N ARG A 41 9.84 15.99 -13.06
CA ARG A 41 10.18 16.82 -11.92
C ARG A 41 11.68 16.65 -11.74
N VAL A 42 12.20 15.52 -12.21
CA VAL A 42 13.62 15.22 -12.10
C VAL A 42 14.36 15.84 -13.27
N GLU A 43 13.74 15.81 -14.45
CA GLU A 43 14.38 16.38 -15.63
C GLU A 43 14.24 17.91 -15.80
N ALA A 44 13.35 18.52 -15.02
CA ALA A 44 13.11 19.96 -15.01
C ALA A 44 13.69 20.45 -13.68
N GLU A 45 14.43 19.52 -13.05
CA GLU A 45 15.08 19.64 -11.75
C GLU A 45 14.34 20.37 -10.64
N GLU A 46 13.37 19.66 -10.08
CA GLU A 46 12.60 20.16 -8.96
C GLU A 46 12.84 19.04 -7.95
N ALA A 47 13.09 17.85 -8.48
CA ALA A 47 13.35 16.68 -7.65
C ALA A 47 14.60 15.91 -8.07
N ARG A 48 15.11 15.10 -7.14
CA ARG A 48 16.31 14.30 -7.32
C ARG A 48 15.93 12.81 -7.53
N LEU A 49 16.48 12.18 -8.55
CA LEU A 49 16.17 10.78 -8.88
C LEU A 49 16.46 9.79 -7.76
N SER A 50 17.45 10.08 -6.93
CA SER A 50 17.78 9.18 -5.83
C SER A 50 16.73 9.24 -4.73
N ASP A 51 15.71 10.06 -4.91
CA ASP A 51 14.65 10.16 -3.93
C ASP A 51 13.40 9.59 -4.56
N LEU A 52 13.55 9.14 -5.81
CA LEU A 52 12.46 8.57 -6.61
C LEU A 52 12.56 7.06 -6.83
N ILE A 53 13.72 6.57 -7.28
CA ILE A 53 13.94 5.12 -7.48
C ILE A 53 15.34 4.77 -7.02
N THR A 54 15.61 3.48 -6.82
CA THR A 54 16.92 3.00 -6.38
C THR A 54 17.75 2.51 -7.54
N GLY A 55 17.09 1.82 -8.48
CA GLY A 55 17.73 1.27 -9.65
C GLY A 55 16.67 0.54 -10.45
N PHE A 56 17.04 -0.52 -11.17
CA PHE A 56 16.09 -1.32 -11.99
C PHE A 56 16.28 -2.84 -11.86
N VAL A 57 15.20 -3.60 -11.95
CA VAL A 57 15.32 -5.06 -11.88
C VAL A 57 15.38 -5.48 -13.35
N ASP A 58 15.90 -6.66 -13.66
CA ASP A 58 15.99 -7.07 -15.08
C ASP A 58 14.69 -7.41 -15.78
N ASP A 64 15.57 -13.34 -7.97
CA ASP A 64 14.78 -12.37 -7.15
C ASP A 64 15.65 -11.37 -6.41
N LEU A 65 15.19 -10.12 -6.39
CA LEU A 65 15.88 -9.04 -5.69
C LEU A 65 15.00 -8.70 -4.47
N ALA A 66 15.62 -8.17 -3.42
CA ALA A 66 14.89 -7.81 -2.21
C ALA A 66 13.97 -6.63 -2.46
N PRO A 67 12.78 -6.62 -1.84
CA PRO A 67 11.78 -5.53 -1.97
C PRO A 67 12.32 -4.20 -1.46
N THR A 68 11.85 -3.11 -2.07
CA THR A 68 12.28 -1.79 -1.68
C THR A 68 11.21 -1.09 -0.86
N ALA A 69 9.99 -1.63 -0.89
CA ALA A 69 8.88 -1.07 -0.11
C ALA A 69 9.07 -1.57 1.33
N THR A 70 10.19 -1.19 1.93
CA THR A 70 10.55 -1.62 3.26
C THR A 70 9.65 -1.20 4.41
N HIS A 71 8.84 -0.16 4.21
CA HIS A 71 7.93 0.33 5.26
C HIS A 71 6.61 -0.46 5.46
N VAL A 72 6.28 -1.37 4.54
CA VAL A 72 5.05 -2.09 4.71
C VAL A 72 5.15 -3.00 5.93
N GLY A 73 4.13 -2.94 6.78
CA GLY A 73 4.06 -3.79 7.95
C GLY A 73 4.94 -3.35 9.09
N SER A 74 5.64 -2.23 8.93
CA SER A 74 6.52 -1.70 9.95
C SER A 74 5.71 -1.14 11.11
N GLU A 75 6.17 -1.36 12.33
CA GLU A 75 5.42 -0.85 13.45
C GLU A 75 5.90 0.49 13.89
N LEU A 76 6.97 0.99 13.27
CA LEU A 76 7.53 2.32 13.59
C LEU A 76 6.59 3.40 13.09
N SER A 77 6.41 4.47 13.84
CA SER A 77 5.52 5.51 13.38
C SER A 77 6.08 6.21 12.14
N GLN A 78 5.18 6.69 11.29
CA GLN A 78 5.51 7.42 10.05
C GLN A 78 6.50 8.55 10.28
N GLU A 79 6.55 9.03 11.51
CA GLU A 79 7.48 10.09 11.87
C GLU A 79 8.86 9.48 12.07
N ASP A 80 8.91 8.29 12.66
CA ASP A 80 10.21 7.65 12.85
C ASP A 80 10.69 7.07 11.51
N LEU A 81 9.73 6.82 10.61
CA LEU A 81 10.00 6.27 9.27
C LEU A 81 10.68 7.28 8.30
N ASP A 82 10.61 8.56 8.65
CA ASP A 82 11.31 9.62 7.90
C ASP A 82 11.99 10.60 8.89
N ILE A 103 21.84 4.58 -10.34
CA ILE A 103 20.93 5.19 -11.36
C ILE A 103 21.71 6.05 -12.36
N ASP A 104 22.19 5.41 -13.42
CA ASP A 104 22.92 6.16 -14.44
C ASP A 104 21.91 7.08 -15.12
N PRO A 105 22.19 8.41 -15.17
CA PRO A 105 21.28 9.36 -15.81
C PRO A 105 20.66 8.94 -17.16
N GLU A 106 21.36 8.12 -17.94
CA GLU A 106 20.84 7.68 -19.25
C GLU A 106 20.01 6.37 -19.22
N LEU A 107 20.40 5.37 -18.40
CA LEU A 107 19.62 4.14 -18.33
C LEU A 107 18.26 4.54 -17.77
N ALA A 108 18.30 5.46 -16.81
CA ALA A 108 17.09 5.98 -16.17
C ALA A 108 16.27 6.73 -17.22
N ARG A 109 16.96 7.43 -18.10
CA ARG A 109 16.31 8.17 -19.18
C ARG A 109 15.69 7.22 -20.19
N GLU A 110 16.26 6.02 -20.30
CA GLU A 110 15.81 5.00 -21.23
C GLU A 110 14.56 4.29 -20.70
N LYS A 111 14.62 3.88 -19.44
CA LYS A 111 13.54 3.15 -18.77
C LYS A 111 12.28 3.97 -18.63
N PHE A 112 12.42 5.20 -18.14
CA PHE A 112 11.28 6.07 -18.00
C PHE A 112 10.67 6.35 -19.36
N ALA A 113 11.46 6.17 -20.40
CA ALA A 113 11.01 6.36 -21.77
C ALA A 113 10.20 5.12 -22.16
N GLU A 114 10.67 3.96 -21.72
CA GLU A 114 10.02 2.69 -21.98
C GLU A 114 8.66 2.60 -21.26
N LEU A 115 8.57 3.28 -20.12
CA LEU A 115 7.34 3.33 -19.34
C LEU A 115 6.38 4.28 -20.06
N ARG A 116 6.87 5.45 -20.42
CA ARG A 116 6.09 6.48 -21.13
C ARG A 116 5.57 6.08 -22.50
N ALA A 117 6.31 5.25 -23.21
CA ALA A 117 5.89 4.78 -24.52
C ALA A 117 4.83 3.68 -24.39
N GLN A 118 5.01 2.80 -23.41
CA GLN A 118 4.08 1.69 -23.16
C GLN A 118 2.80 2.18 -22.53
N TYR A 119 2.88 3.32 -21.85
CA TYR A 119 1.72 3.94 -21.20
C TYR A 119 0.80 4.42 -22.33
N VAL A 120 1.26 5.41 -23.09
CA VAL A 120 0.48 5.98 -24.19
C VAL A 120 -0.03 4.97 -25.23
N VAL A 121 0.41 3.73 -25.16
CA VAL A 121 -0.09 2.73 -26.09
C VAL A 121 -1.26 2.06 -25.38
N THR A 122 -1.14 1.88 -24.05
CA THR A 122 -2.21 1.26 -23.24
C THR A 122 -3.36 2.28 -23.14
N ARG A 123 -2.99 3.55 -23.04
CA ARG A 123 -3.94 4.66 -22.96
C ARG A 123 -4.89 4.70 -24.17
N ASP A 124 -4.51 4.00 -25.23
CA ASP A 124 -5.30 3.97 -26.45
C ASP A 124 -6.14 2.73 -26.53
N THR A 125 -5.55 1.56 -26.29
CA THR A 125 -6.30 0.30 -26.35
C THR A 125 -7.42 0.29 -25.29
N ILE A 126 -7.38 1.28 -24.40
CA ILE A 126 -8.39 1.48 -23.36
C ILE A 126 -9.65 1.98 -24.06
N LYS A 127 -9.47 2.60 -25.23
CA LYS A 127 -10.58 3.09 -26.05
C LYS A 127 -10.94 2.02 -27.13
N ALA A 128 -9.91 1.39 -27.69
CA ALA A 128 -10.09 0.36 -28.69
C ALA A 128 -10.26 -0.99 -28.03
N HIS A 133 -11.25 -8.47 -24.71
CA HIS A 133 -10.54 -7.95 -23.51
C HIS A 133 -9.21 -8.67 -23.27
N ALA A 134 -9.00 -9.76 -23.97
CA ALA A 134 -7.81 -10.59 -23.81
C ALA A 134 -6.52 -10.01 -24.37
N THR A 135 -6.66 -9.14 -25.35
CA THR A 135 -5.49 -8.54 -25.96
C THR A 135 -5.12 -7.28 -25.19
N ALA A 136 -6.14 -6.54 -24.77
CA ALA A 136 -5.90 -5.32 -24.00
C ALA A 136 -5.37 -5.69 -22.60
N GLN A 137 -5.88 -6.79 -22.06
CA GLN A 137 -5.46 -7.24 -20.75
C GLN A 137 -4.01 -7.72 -20.74
N GLU A 138 -3.52 -8.21 -21.88
CA GLU A 138 -2.15 -8.69 -21.97
C GLU A 138 -1.15 -7.53 -22.07
N GLU A 139 -1.66 -6.35 -22.42
CA GLU A 139 -0.81 -5.15 -22.50
C GLU A 139 -0.89 -4.46 -21.14
N ILE A 140 -2.05 -4.59 -20.51
CA ILE A 140 -2.28 -4.03 -19.18
C ILE A 140 -1.41 -4.83 -18.24
N LEU A 141 -1.22 -6.12 -18.52
CA LEU A 141 -0.35 -6.94 -17.68
C LEU A 141 1.12 -6.65 -18.00
N LYS A 142 1.36 -5.95 -19.10
CA LYS A 142 2.73 -5.62 -19.45
C LYS A 142 3.15 -4.21 -18.96
N LEU A 143 2.23 -3.24 -18.98
CA LEU A 143 2.59 -1.91 -18.47
C LEU A 143 2.91 -2.13 -17.00
N SER A 144 2.23 -3.08 -16.38
CA SER A 144 2.47 -3.40 -14.99
C SER A 144 3.82 -4.12 -14.81
N GLU A 145 4.22 -4.95 -15.76
CA GLU A 145 5.52 -5.62 -15.64
C GLU A 145 6.67 -4.65 -15.93
N VAL A 146 6.39 -3.57 -16.65
CA VAL A 146 7.44 -2.58 -16.92
C VAL A 146 7.62 -1.71 -15.66
N PHE A 147 6.49 -1.34 -15.02
CA PHE A 147 6.44 -0.51 -13.80
C PHE A 147 7.19 -1.17 -12.67
N LYS A 148 7.00 -2.49 -12.52
CA LYS A 148 7.66 -3.30 -11.49
C LYS A 148 9.20 -3.35 -11.64
N GLN A 149 9.73 -2.81 -12.73
CA GLN A 149 11.17 -2.80 -12.94
C GLN A 149 11.79 -1.70 -12.12
N PHE A 150 10.99 -0.68 -11.83
CA PHE A 150 11.42 0.46 -11.06
C PHE A 150 11.44 0.13 -9.60
N ARG A 151 12.63 0.09 -9.02
CA ARG A 151 12.76 -0.17 -7.60
C ARG A 151 12.53 1.15 -6.83
N LEU A 152 11.28 1.64 -6.81
CA LEU A 152 10.97 2.88 -6.11
C LEU A 152 11.49 2.89 -4.71
N VAL A 153 11.88 4.08 -4.29
CA VAL A 153 12.45 4.34 -2.99
C VAL A 153 11.30 4.27 -1.96
N PRO A 154 11.56 3.64 -0.80
CA PRO A 154 10.57 3.48 0.28
C PRO A 154 9.49 4.56 0.43
N LYS A 155 9.90 5.82 0.61
CA LYS A 155 8.94 6.90 0.84
C LYS A 155 7.98 7.10 -0.29
N GLN A 156 8.40 6.74 -1.48
CA GLN A 156 7.53 6.89 -2.63
C GLN A 156 6.46 5.78 -2.61
N PHE A 157 6.87 4.55 -2.32
CA PHE A 157 5.95 3.44 -2.27
C PHE A 157 4.97 3.74 -1.18
N ASP A 158 5.40 4.54 -0.21
CA ASP A 158 4.53 4.91 0.89
C ASP A 158 3.46 5.91 0.44
N TYR A 159 3.79 6.71 -0.58
CA TYR A 159 2.86 7.69 -1.12
C TYR A 159 1.78 6.91 -1.83
N LEU A 160 2.23 6.03 -2.71
CA LEU A 160 1.36 5.18 -3.48
C LEU A 160 0.46 4.37 -2.57
N VAL A 161 1.05 3.47 -1.76
CA VAL A 161 0.27 2.66 -0.83
C VAL A 161 -0.73 3.45 0.02
N ASN A 162 -0.40 4.67 0.44
CA ASN A 162 -1.38 5.44 1.21
C ASN A 162 -2.39 6.06 0.26
N SER A 163 -1.92 6.48 -0.90
CA SER A 163 -2.76 7.09 -1.91
C SER A 163 -3.97 6.19 -2.16
N MET A 164 -3.67 4.89 -2.34
CA MET A 164 -4.64 3.84 -2.62
C MET A 164 -5.58 3.54 -1.50
N ARG A 165 -5.08 3.57 -0.27
CA ARG A 165 -5.90 3.32 0.90
C ARG A 165 -6.89 4.45 1.12
N VAL A 166 -6.43 5.68 0.94
CA VAL A 166 -7.33 6.80 1.08
C VAL A 166 -8.45 6.69 0.01
N MET A 167 -8.11 6.26 -1.21
CA MET A 167 -9.13 6.09 -2.27
C MET A 167 -10.12 4.99 -1.90
N MET A 168 -9.63 3.93 -1.26
CA MET A 168 -10.49 2.84 -0.82
C MET A 168 -11.34 3.37 0.30
N ASP A 169 -10.85 4.35 1.05
CA ASP A 169 -11.66 4.92 2.10
C ASP A 169 -12.83 5.69 1.48
N ARG A 170 -12.63 6.35 0.33
CA ARG A 170 -13.74 7.09 -0.33
C ARG A 170 -14.80 6.12 -0.83
N VAL A 171 -14.37 5.03 -1.47
CA VAL A 171 -15.28 3.99 -1.94
C VAL A 171 -16.07 3.58 -0.69
N ARG A 172 -15.37 3.20 0.37
CA ARG A 172 -16.05 2.79 1.59
C ARG A 172 -17.02 3.81 2.22
N THR A 173 -16.68 5.11 2.21
CA THR A 173 -17.56 6.13 2.77
C THR A 173 -18.91 6.15 2.05
N GLN A 174 -18.86 6.22 0.73
CA GLN A 174 -20.06 6.24 -0.08
C GLN A 174 -20.88 4.98 0.00
N GLU A 175 -20.26 3.81 0.13
CA GLU A 175 -21.03 2.57 0.23
C GLU A 175 -21.69 2.34 1.56
N ARG A 176 -21.04 2.79 2.62
CA ARG A 176 -21.62 2.63 3.94
C ARG A 176 -22.80 3.62 4.11
N LEU A 177 -22.62 4.82 3.56
CA LEU A 177 -23.59 5.89 3.59
C LEU A 177 -24.83 5.34 2.96
N ILE A 178 -24.69 4.90 1.71
CA ILE A 178 -25.79 4.33 0.92
C ILE A 178 -26.57 3.23 1.65
N MET A 179 -25.86 2.29 2.26
CA MET A 179 -26.53 1.24 3.02
C MET A 179 -27.32 1.78 4.21
N LYS A 180 -26.79 2.81 4.88
CA LYS A 180 -27.46 3.44 6.03
C LYS A 180 -28.76 4.12 5.58
N LEU A 181 -28.69 4.81 4.46
CA LEU A 181 -29.84 5.49 3.91
C LEU A 181 -30.92 4.49 3.54
N CYS A 182 -30.54 3.46 2.79
CA CYS A 182 -31.50 2.44 2.36
C CYS A 182 -31.96 1.50 3.45
N VAL A 183 -31.00 0.90 4.16
CA VAL A 183 -31.28 -0.06 5.22
C VAL A 183 -31.78 0.52 6.51
N GLU A 184 -31.28 1.68 6.89
CA GLU A 184 -31.70 2.25 8.15
C GLU A 184 -32.74 3.34 8.06
N GLN A 185 -32.45 4.40 7.31
CA GLN A 185 -33.38 5.51 7.19
C GLN A 185 -34.66 5.16 6.46
N CYS A 186 -34.57 4.36 5.39
CA CYS A 186 -35.77 3.99 4.60
C CYS A 186 -36.29 2.59 4.96
N LYS A 187 -35.60 1.90 5.86
CA LYS A 187 -36.01 0.58 6.32
C LYS A 187 -35.93 -0.64 5.40
N MET A 188 -35.16 -0.57 4.32
CA MET A 188 -34.98 -1.72 3.43
C MET A 188 -34.08 -2.71 4.16
N PRO A 189 -34.58 -3.88 4.54
CA PRO A 189 -33.70 -4.82 5.25
C PRO A 189 -32.42 -5.20 4.48
N LYS A 190 -31.36 -5.48 5.24
CA LYS A 190 -30.03 -5.83 4.71
C LYS A 190 -30.03 -6.72 3.48
N LYS A 191 -30.73 -7.84 3.59
CA LYS A 191 -30.84 -8.84 2.56
C LYS A 191 -31.15 -8.29 1.17
N ASN A 192 -32.20 -7.48 1.03
CA ASN A 192 -32.56 -6.91 -0.26
C ASN A 192 -31.53 -5.91 -0.78
N PHE A 193 -30.96 -5.13 0.15
CA PHE A 193 -29.98 -4.13 -0.21
C PHE A 193 -28.76 -4.79 -0.81
N ILE A 194 -28.27 -5.84 -0.16
CA ILE A 194 -27.11 -6.56 -0.64
C ILE A 194 -27.39 -6.88 -2.10
N THR A 195 -28.47 -7.64 -2.29
CA THR A 195 -28.90 -8.09 -3.61
C THR A 195 -28.86 -7.04 -4.72
N LEU A 196 -29.22 -5.80 -4.42
CA LEU A 196 -29.22 -4.76 -5.46
C LEU A 196 -27.93 -3.99 -5.69
N PHE A 197 -27.34 -3.50 -4.61
CA PHE A 197 -26.12 -2.71 -4.70
C PHE A 197 -24.96 -3.56 -5.19
N THR A 198 -24.84 -4.75 -4.58
CA THR A 198 -23.78 -5.74 -4.83
C THR A 198 -23.45 -6.05 -6.31
N GLY A 199 -24.15 -5.43 -7.25
CA GLY A 199 -23.85 -5.68 -8.63
C GLY A 199 -22.81 -4.70 -9.12
N ASN A 200 -23.27 -3.78 -9.98
CA ASN A 200 -22.41 -2.78 -10.60
C ASN A 200 -22.02 -1.65 -9.65
N GLU A 201 -22.92 -1.30 -8.74
CA GLU A 201 -22.71 -0.26 -7.72
C GLU A 201 -22.50 1.16 -8.20
N THR A 202 -22.76 1.48 -9.46
CA THR A 202 -22.52 2.86 -9.91
C THR A 202 -23.63 3.62 -10.61
N SER A 203 -24.40 2.94 -11.44
CA SER A 203 -25.45 3.64 -12.16
C SER A 203 -26.77 3.61 -11.41
N ASP A 204 -27.62 4.61 -11.67
CA ASP A 204 -28.94 4.72 -11.04
C ASP A 204 -29.75 3.47 -11.28
N THR A 205 -29.41 2.78 -12.36
CA THR A 205 -30.09 1.57 -12.76
C THR A 205 -30.49 0.64 -11.62
N TRP A 206 -29.68 0.56 -10.56
CA TRP A 206 -29.98 -0.33 -9.45
C TRP A 206 -30.97 0.26 -8.43
N PHE A 207 -30.93 1.57 -8.32
CA PHE A 207 -31.77 2.27 -7.37
C PHE A 207 -33.23 2.37 -7.80
N ASN A 208 -33.51 2.91 -8.98
CA ASN A 208 -34.86 3.08 -9.47
C ASN A 208 -35.64 1.78 -9.56
N ALA A 209 -34.91 0.68 -9.47
CA ALA A 209 -35.46 -0.66 -9.48
C ALA A 209 -35.94 -1.02 -8.08
N ALA A 210 -35.37 -0.36 -7.08
CA ALA A 210 -35.75 -0.58 -5.70
C ALA A 210 -37.07 0.12 -5.52
N ILE A 211 -37.16 1.29 -6.14
CA ILE A 211 -38.38 2.09 -6.11
C ILE A 211 -39.45 1.32 -6.90
N ALA A 212 -39.05 0.82 -8.08
CA ALA A 212 -39.92 0.05 -8.97
C ALA A 212 -40.34 -1.35 -8.50
N MET A 213 -39.96 -1.74 -7.30
CA MET A 213 -40.31 -3.05 -6.76
C MET A 213 -41.61 -2.89 -5.96
N ASN A 214 -42.03 -1.64 -5.84
CA ASN A 214 -43.26 -1.23 -5.17
C ASN A 214 -43.67 -1.96 -3.88
N LYS A 215 -42.69 -2.32 -3.06
CA LYS A 215 -42.98 -2.99 -1.78
C LYS A 215 -43.02 -1.86 -0.74
N PRO A 216 -43.47 -2.14 0.50
CA PRO A 216 -43.53 -1.05 1.50
C PRO A 216 -42.34 -0.08 1.58
N TRP A 217 -41.11 -0.57 1.53
CA TRP A 217 -39.99 0.36 1.60
C TRP A 217 -39.59 1.05 0.28
N SER A 218 -40.35 0.82 -0.80
CA SER A 218 -40.05 1.40 -2.13
C SER A 218 -40.32 2.89 -2.37
N GLU A 219 -41.54 3.34 -2.09
CA GLU A 219 -41.86 4.74 -2.33
C GLU A 219 -41.05 5.60 -1.37
N LYS A 220 -40.83 5.06 -0.17
CA LYS A 220 -40.07 5.70 0.91
C LYS A 220 -38.66 6.14 0.46
N LEU A 221 -38.06 5.31 -0.39
CA LEU A 221 -36.74 5.53 -0.95
C LEU A 221 -36.66 6.80 -1.78
N HIS A 222 -37.77 7.51 -1.91
CA HIS A 222 -37.75 8.77 -2.66
C HIS A 222 -37.20 9.84 -1.75
N ASP A 223 -37.27 9.58 -0.44
CA ASP A 223 -36.74 10.50 0.55
C ASP A 223 -35.23 10.30 0.66
N VAL A 224 -34.73 9.35 -0.12
CA VAL A 224 -33.32 9.03 -0.09
C VAL A 224 -32.69 9.13 -1.47
N SER A 225 -33.52 9.38 -2.48
CA SER A 225 -33.09 9.55 -3.85
C SER A 225 -31.84 10.39 -4.13
N GLU A 226 -31.93 11.70 -3.91
CA GLU A 226 -30.82 12.59 -4.23
C GLU A 226 -29.52 12.34 -3.50
N GLU A 227 -29.62 11.96 -2.23
CA GLU A 227 -28.43 11.64 -1.42
C GLU A 227 -27.82 10.35 -1.96
N VAL A 228 -28.68 9.41 -2.33
CA VAL A 228 -28.23 8.14 -2.89
C VAL A 228 -27.69 8.35 -4.30
N HIS A 229 -28.25 9.28 -5.06
CA HIS A 229 -27.74 9.52 -6.38
C HIS A 229 -26.39 10.20 -6.31
N ARG A 230 -26.22 11.15 -5.41
CA ARG A 230 -24.95 11.85 -5.36
C ARG A 230 -23.76 10.96 -5.00
N ALA A 231 -24.03 9.96 -4.17
CA ALA A 231 -23.02 8.99 -3.74
C ALA A 231 -22.58 8.25 -4.98
N LEU A 232 -23.54 7.67 -5.71
CA LEU A 232 -23.28 6.90 -6.92
C LEU A 232 -22.58 7.74 -7.97
N GLN A 233 -22.90 9.01 -7.99
CA GLN A 233 -22.28 9.92 -8.93
C GLN A 233 -20.86 10.28 -8.43
N LYS A 234 -20.61 10.08 -7.11
CA LYS A 234 -19.33 10.36 -6.42
C LYS A 234 -18.44 9.10 -6.42
N LEU A 235 -19.11 7.98 -6.57
CA LEU A 235 -18.53 6.66 -6.63
C LEU A 235 -18.04 6.54 -8.07
N GLN A 236 -18.81 7.05 -9.02
CA GLN A 236 -18.46 7.03 -10.45
C GLN A 236 -17.25 7.88 -10.71
N GLN A 237 -17.09 8.89 -9.88
CA GLN A 237 -15.96 9.81 -9.96
C GLN A 237 -14.69 9.07 -9.55
N ILE A 238 -14.81 8.20 -8.54
CA ILE A 238 -13.66 7.41 -8.08
C ILE A 238 -13.12 6.55 -9.22
N GLU A 239 -14.06 5.90 -9.92
CA GLU A 239 -13.77 5.04 -11.05
C GLU A 239 -13.11 5.85 -12.13
N GLU A 240 -13.57 7.08 -12.34
CA GLU A 240 -12.97 7.94 -13.37
C GLU A 240 -11.59 8.40 -12.98
N GLU A 241 -11.42 8.73 -11.70
CA GLU A 241 -10.15 9.18 -11.16
C GLU A 241 -9.13 8.08 -11.30
N THR A 242 -9.48 6.92 -10.74
CA THR A 242 -8.60 5.77 -10.71
C THR A 242 -8.40 5.09 -12.04
N GLY A 243 -9.40 5.17 -12.90
CA GLY A 243 -9.29 4.52 -14.18
C GLY A 243 -9.50 3.03 -14.00
N LEU A 244 -10.40 2.68 -13.10
CA LEU A 244 -10.75 1.30 -12.78
C LEU A 244 -12.25 1.24 -12.48
N THR A 245 -12.76 0.08 -12.09
CA THR A 245 -14.17 -0.01 -11.70
C THR A 245 -14.11 -0.09 -10.17
N ILE A 246 -15.24 0.08 -9.50
CA ILE A 246 -15.25 0.01 -8.04
C ILE A 246 -14.78 -1.37 -7.63
N GLU A 247 -15.20 -2.39 -8.35
CA GLU A 247 -14.84 -3.77 -8.05
C GLU A 247 -13.36 -4.02 -8.17
N GLN A 248 -12.69 -3.30 -9.08
CA GLN A 248 -11.25 -3.43 -9.31
C GLN A 248 -10.45 -2.74 -8.20
N VAL A 249 -10.82 -1.51 -7.87
CA VAL A 249 -10.16 -0.74 -6.82
C VAL A 249 -10.20 -1.61 -5.57
N LYS A 250 -11.34 -2.25 -5.34
CA LYS A 250 -11.54 -3.13 -4.18
C LYS A 250 -10.67 -4.35 -4.28
N ASP A 251 -10.58 -4.91 -5.48
CA ASP A 251 -9.79 -6.10 -5.79
C ASP A 251 -8.34 -5.93 -5.38
N ILE A 252 -7.71 -4.98 -6.05
CA ILE A 252 -6.31 -4.61 -5.89
C ILE A 252 -5.99 -4.35 -4.43
N ASN A 253 -6.90 -3.63 -3.78
CA ASN A 253 -6.77 -3.29 -2.37
C ASN A 253 -6.86 -4.47 -1.45
N ARG A 254 -7.78 -5.37 -1.76
CA ARG A 254 -7.94 -6.56 -0.96
C ARG A 254 -6.63 -7.34 -1.07
N ARG A 255 -6.10 -7.40 -2.27
CA ARG A 255 -4.87 -8.14 -2.49
C ARG A 255 -3.71 -7.46 -1.81
N MET A 256 -3.72 -6.13 -1.76
CA MET A 256 -2.65 -5.36 -1.14
C MET A 256 -2.63 -5.66 0.33
N SER A 257 -3.81 -5.70 0.92
CA SER A 257 -3.98 -5.96 2.34
C SER A 257 -3.48 -7.33 2.77
N ILE A 258 -3.68 -8.32 1.93
CA ILE A 258 -3.23 -9.68 2.23
C ILE A 258 -1.72 -9.57 2.34
N GLY A 259 -1.14 -8.79 1.44
CA GLY A 259 0.29 -8.60 1.45
C GLY A 259 0.71 -7.82 2.68
N GLU A 260 0.07 -6.70 2.94
CA GLU A 260 0.42 -5.88 4.10
C GLU A 260 0.32 -6.66 5.40
N ALA A 261 -0.66 -7.54 5.46
CA ALA A 261 -0.90 -8.30 6.67
C ALA A 261 0.10 -9.39 6.85
N LYS A 262 0.59 -9.95 5.74
CA LYS A 262 1.58 -11.02 5.77
C LYS A 262 2.93 -10.49 6.22
N ALA A 263 3.32 -9.33 5.68
CA ALA A 263 4.60 -8.69 6.04
C ALA A 263 4.56 -8.22 7.48
N ARG A 264 3.47 -7.56 7.85
CA ARG A 264 3.27 -7.04 9.22
C ARG A 264 3.39 -8.17 10.22
N ARG A 265 2.61 -9.23 10.02
CA ARG A 265 2.61 -10.41 10.90
C ARG A 265 4.03 -10.92 11.01
N ALA A 266 4.67 -11.17 9.88
CA ALA A 266 6.01 -11.70 9.85
C ALA A 266 7.07 -10.82 10.52
N LYS A 267 6.94 -9.50 10.42
CA LYS A 267 7.92 -8.61 11.07
C LYS A 267 7.69 -8.63 12.59
N LYS A 268 6.43 -8.73 13.00
CA LYS A 268 6.07 -8.79 14.40
C LYS A 268 6.74 -10.01 15.00
N GLU A 269 6.74 -11.13 14.29
CA GLU A 269 7.40 -12.33 14.78
C GLU A 269 8.92 -12.15 14.83
N MET A 270 9.49 -11.31 13.99
CA MET A 270 10.94 -11.13 13.98
C MET A 270 11.40 -10.29 15.18
N VAL A 271 10.62 -9.26 15.48
CA VAL A 271 10.84 -8.38 16.61
C VAL A 271 10.60 -9.22 17.90
N GLU A 272 9.51 -9.96 17.98
CA GLU A 272 9.25 -10.74 19.17
C GLU A 272 10.25 -11.84 19.39
N ALA A 273 10.90 -12.31 18.34
CA ALA A 273 11.88 -13.38 18.50
C ALA A 273 13.22 -12.84 18.95
N ASN A 274 13.39 -11.54 18.81
CA ASN A 274 14.65 -10.90 19.20
C ASN A 274 14.61 -9.98 20.41
N LEU A 275 13.59 -10.09 21.25
CA LEU A 275 13.51 -9.27 22.45
C LEU A 275 14.51 -9.75 23.45
N ARG A 276 15.01 -10.98 23.28
CA ARG A 276 16.04 -11.51 24.18
C ARG A 276 17.27 -10.69 23.93
N LEU A 277 17.56 -10.48 22.65
CA LEU A 277 18.72 -9.72 22.14
C LEU A 277 18.74 -8.31 22.64
N VAL A 278 17.61 -7.64 22.53
CA VAL A 278 17.45 -6.28 22.97
C VAL A 278 17.75 -6.19 24.47
N ILE A 279 17.20 -7.09 25.27
CA ILE A 279 17.41 -7.08 26.73
C ILE A 279 18.86 -7.28 27.03
N SER A 280 19.48 -8.20 26.31
CA SER A 280 20.90 -8.51 26.45
C SER A 280 21.81 -7.29 26.29
N ILE A 281 21.59 -6.50 25.23
CA ILE A 281 22.38 -5.29 24.96
C ILE A 281 22.04 -4.18 25.95
N ALA A 282 20.76 -3.99 26.23
CA ALA A 282 20.35 -2.95 27.16
C ALA A 282 21.03 -3.25 28.50
N LYS A 283 21.15 -4.50 28.90
CA LYS A 283 21.81 -4.80 30.18
C LYS A 283 23.29 -4.32 30.22
N LYS A 284 23.79 -3.88 29.08
CA LYS A 284 25.15 -3.38 28.97
C LYS A 284 25.19 -1.87 29.17
N TYR A 285 24.04 -1.22 29.04
CA TYR A 285 23.99 0.24 29.21
C TYR A 285 23.14 0.54 30.43
N THR A 286 23.29 -0.34 31.42
CA THR A 286 22.56 -0.29 32.69
C THR A 286 22.56 1.01 33.49
N ASN A 287 23.64 1.31 34.19
CA ASN A 287 23.70 2.56 34.99
C ASN A 287 24.37 3.69 34.22
N ARG A 288 24.13 3.72 32.91
CA ARG A 288 24.71 4.69 32.01
C ARG A 288 23.89 5.94 31.81
N GLY A 289 22.83 6.13 32.59
CA GLY A 289 22.04 7.33 32.46
C GLY A 289 20.62 7.17 32.00
N LEU A 290 20.27 5.99 31.50
CA LEU A 290 18.92 5.74 31.01
C LEU A 290 18.41 4.50 31.72
N GLN A 291 17.20 4.58 32.28
CA GLN A 291 16.59 3.48 33.00
C GLN A 291 16.08 2.37 32.09
N PHE A 292 16.16 1.14 32.59
CA PHE A 292 15.78 -0.07 31.85
C PHE A 292 14.62 -0.07 30.84
N LEU A 293 13.40 0.12 31.30
CA LEU A 293 12.25 0.08 30.41
C LEU A 293 12.35 1.06 29.22
N ASP A 294 13.20 2.08 29.37
CA ASP A 294 13.43 3.10 28.32
C ASP A 294 14.56 2.58 27.44
N LEU A 295 15.48 1.86 28.07
CA LEU A 295 16.62 1.26 27.42
C LEU A 295 16.11 0.17 26.43
N ILE A 296 14.99 -0.49 26.74
CA ILE A 296 14.45 -1.51 25.83
C ILE A 296 13.38 -0.94 24.90
N GLN A 297 13.11 0.36 25.01
CA GLN A 297 12.15 1.04 24.14
C GLN A 297 13.01 1.49 22.98
N GLU A 298 14.16 2.04 23.30
CA GLU A 298 15.09 2.48 22.28
C GLU A 298 15.74 1.27 21.63
N GLY A 299 15.99 0.22 22.40
CA GLY A 299 16.56 -1.00 21.86
C GLY A 299 15.59 -1.51 20.80
N ASN A 300 14.34 -1.75 21.20
CA ASN A 300 13.23 -2.20 20.30
C ASN A 300 12.97 -1.37 19.03
N ILE A 301 13.23 -0.06 19.07
CA ILE A 301 13.09 0.82 17.89
C ILE A 301 14.26 0.50 17.00
N GLY A 302 15.39 0.12 17.58
CA GLY A 302 16.54 -0.26 16.76
C GLY A 302 16.28 -1.61 16.10
N LEU A 303 15.58 -2.48 16.82
CA LEU A 303 15.22 -3.81 16.31
C LEU A 303 14.26 -3.71 15.15
N MET A 304 13.17 -2.94 15.32
CA MET A 304 12.15 -2.71 14.26
C MET A 304 12.72 -2.10 12.98
N LYS A 305 13.80 -1.31 13.10
CA LYS A 305 14.47 -0.72 11.95
C LYS A 305 15.27 -1.81 11.29
N ALA A 306 15.90 -2.63 12.11
CA ALA A 306 16.69 -3.76 11.62
C ALA A 306 15.80 -4.72 10.87
N VAL A 307 14.65 -5.05 11.45
CA VAL A 307 13.71 -5.97 10.82
C VAL A 307 13.27 -5.42 9.49
N ASP A 308 13.27 -4.10 9.35
CA ASP A 308 12.86 -3.45 8.12
C ASP A 308 13.90 -3.48 7.00
N LYS A 309 15.11 -2.99 7.31
CA LYS A 309 16.20 -2.89 6.34
C LYS A 309 16.94 -4.16 5.95
N PHE A 310 16.83 -5.18 6.80
CA PHE A 310 17.48 -6.47 6.62
C PHE A 310 17.22 -7.17 5.28
N GLU A 311 18.26 -7.83 4.78
CA GLU A 311 18.24 -8.60 3.53
C GLU A 311 18.95 -9.93 3.77
N TYR A 312 18.20 -11.02 3.68
CA TYR A 312 18.78 -12.34 3.91
C TYR A 312 19.71 -12.76 2.78
N ARG A 313 19.36 -12.37 1.56
CA ARG A 313 20.16 -12.72 0.37
C ARG A 313 21.64 -12.35 0.48
N ARG A 314 21.92 -11.31 1.27
CA ARG A 314 23.26 -10.80 1.54
C ARG A 314 24.09 -11.78 2.38
N GLY A 315 23.44 -12.82 2.90
CA GLY A 315 24.12 -13.83 3.67
C GLY A 315 24.51 -13.57 5.10
N TYR A 316 24.18 -12.40 5.64
CA TYR A 316 24.54 -12.14 7.02
C TYR A 316 23.53 -12.61 8.07
N LYS A 317 24.09 -12.90 9.25
CA LYS A 317 23.34 -13.36 10.41
C LYS A 317 22.51 -12.21 10.96
N PHE A 318 21.19 -12.37 11.00
CA PHE A 318 20.32 -11.31 11.49
C PHE A 318 20.80 -10.81 12.81
N SER A 319 20.98 -11.72 13.74
CA SER A 319 21.41 -11.40 15.08
C SER A 319 22.46 -10.30 15.11
N THR A 320 23.42 -10.41 14.20
CA THR A 320 24.52 -9.45 14.07
C THR A 320 24.07 -8.14 13.45
N TYR A 321 23.21 -8.24 12.43
CA TYR A 321 22.66 -7.08 11.76
C TYR A 321 21.87 -6.22 12.77
N ALA A 322 20.95 -6.86 13.51
CA ALA A 322 20.11 -6.22 14.53
C ALA A 322 20.94 -5.54 15.58
N THR A 323 22.04 -6.17 16.00
CA THR A 323 22.92 -5.61 17.04
C THR A 323 23.43 -4.19 16.77
N TRP A 324 23.79 -3.86 15.53
CA TRP A 324 24.27 -2.52 15.25
C TRP A 324 23.15 -1.49 15.40
N TRP A 325 21.94 -1.88 14.98
CA TRP A 325 20.77 -1.02 15.04
C TRP A 325 20.24 -0.84 16.45
N ILE A 326 20.14 -1.96 17.15
CA ILE A 326 19.66 -1.97 18.53
C ILE A 326 20.54 -1.05 19.32
N ARG A 327 21.82 -1.39 19.36
CA ARG A 327 22.86 -0.66 20.10
C ARG A 327 22.89 0.83 19.74
N GLN A 328 22.95 1.14 18.45
CA GLN A 328 22.95 2.52 17.97
C GLN A 328 21.75 3.31 18.52
N ALA A 329 20.58 2.71 18.54
CA ALA A 329 19.42 3.41 19.07
C ALA A 329 19.58 3.62 20.56
N ILE A 330 20.26 2.68 21.23
CA ILE A 330 20.51 2.78 22.67
C ILE A 330 21.59 3.81 23.03
N THR A 331 22.75 3.71 22.38
CA THR A 331 23.82 4.67 22.63
C THR A 331 23.34 6.08 22.25
N ARG A 332 22.83 6.22 21.01
CA ARG A 332 22.31 7.50 20.49
C ARG A 332 21.37 8.18 21.50
N SER A 333 20.47 7.39 22.06
CA SER A 333 19.52 7.86 23.04
C SER A 333 20.20 8.24 24.36
N ILE A 334 21.27 7.55 24.72
CA ILE A 334 21.95 7.87 25.97
C ILE A 334 22.62 9.21 25.83
N ALA A 335 23.01 9.54 24.60
CA ALA A 335 23.68 10.79 24.31
C ALA A 335 22.77 12.01 24.40
N ASP A 336 21.49 11.81 24.19
CA ASP A 336 20.56 12.92 24.26
C ASP A 336 20.04 13.26 25.63
N GLN A 337 20.20 12.39 26.61
CA GLN A 337 19.67 12.70 27.92
C GLN A 337 20.69 13.29 28.90
#